data_3PZI
#
_entry.id   3PZI
#
_cell.length_a   55.430
_cell.length_b   83.234
_cell.length_c   91.916
_cell.angle_alpha   90.00
_cell.angle_beta   90.00
_cell.angle_gamma   90.00
#
_symmetry.space_group_name_H-M   'P 21 21 21'
#
loop_
_entity.id
_entity.type
_entity.pdbx_description
1 polymer 'Mannan endo-1,4-beta-mannosidase. Glycosyl Hydrolase family 5'
2 non-polymer beta-D-glucopyranose
3 water water
#
_entity_poly.entity_id   1
_entity_poly.type   'polypeptide(L)'
_entity_poly.pdbx_seq_one_letter_code
;MGSSHHHHHHSSGLVPRGSHMLNGKEFRFIGSNNYYMHYKSNRMIDSVLESARDMGIKVLRIWGFLDGESYCRDKNTYMH
PEPGVFGVPEGISNAQNGFERLDYTIAKAKELGIKLIIVLVNNWDDFGGMNQYVRWFGGTHHDDFYRDERIKEEYKKYVS
FLINHVNVYTGVPYREEPTIMAWELANELRCETDKSGNTLVEWVKEMSSYIKSLDPNHLVAVGDEGFFSNYEGFKPYGGE
AEWAYNGWSGVDWKKLLSIETVDFGTFHLYPSHWGVSPENYAQWGAKWIEDHIKIAKEIGKPVVLEEYGIPKSAPVNRTA
IYRLWNDLVYDLGGDGAMFWMLAGIGEGSDRDERGYYPDYDGFRIVNDDSPEAELIREYAKLF
;
_entity_poly.pdbx_strand_id   A
#
loop_
_chem_comp.id
_chem_comp.type
_chem_comp.name
_chem_comp.formula
BGC D-saccharide, beta linking beta-D-glucopyranose 'C6 H12 O6'
#
# COMPACT_ATOMS: atom_id res chain seq x y z
N PHE A 27 -12.47 -0.13 -15.35
CA PHE A 27 -12.72 0.25 -13.95
C PHE A 27 -11.68 1.30 -13.51
N ARG A 28 -12.17 2.50 -13.27
CA ARG A 28 -11.29 3.63 -12.80
C ARG A 28 -11.88 4.22 -11.48
N PHE A 29 -11.04 4.75 -10.58
CA PHE A 29 -11.58 4.97 -9.25
C PHE A 29 -10.80 6.01 -8.44
N ILE A 30 -11.49 6.53 -7.44
CA ILE A 30 -10.85 7.19 -6.31
C ILE A 30 -10.72 6.16 -5.20
N GLY A 31 -9.52 6.08 -4.61
CA GLY A 31 -9.31 5.10 -3.54
C GLY A 31 -8.60 5.74 -2.35
N SER A 32 -8.34 4.91 -1.31
CA SER A 32 -7.55 5.44 -0.20
C SER A 32 -6.77 4.28 0.42
N ASN A 33 -6.13 4.58 1.54
CA ASN A 33 -5.32 3.60 2.28
C ASN A 33 -5.77 3.61 3.74
N ASN A 34 -5.75 2.45 4.38
CA ASN A 34 -5.89 2.43 5.84
C ASN A 34 -5.10 1.18 6.34
N TYR A 35 -4.21 1.41 7.33
CA TYR A 35 -3.27 0.39 7.73
C TYR A 35 -3.74 -0.33 9.01
N TYR A 36 -4.91 0.00 9.57
CA TYR A 36 -5.19 -0.61 10.89
C TYR A 36 -6.42 -1.56 10.87
N MET A 37 -6.78 -1.91 9.63
CA MET A 37 -7.92 -2.80 9.35
C MET A 37 -7.70 -4.26 9.78
N HIS A 38 -6.52 -4.60 10.23
CA HIS A 38 -6.22 -5.98 10.63
C HIS A 38 -5.95 -6.05 12.11
N TYR A 39 -6.16 -4.94 12.86
CA TYR A 39 -6.01 -5.09 14.33
C TYR A 39 -6.91 -4.23 15.18
N LYS A 40 -7.74 -3.39 14.58
CA LYS A 40 -8.65 -2.57 15.42
C LYS A 40 -10.02 -3.20 15.57
N SER A 41 -10.90 -2.55 16.30
CA SER A 41 -12.14 -3.16 16.71
C SER A 41 -13.17 -3.11 15.55
N ASN A 42 -14.25 -3.91 15.72
CA ASN A 42 -15.37 -3.82 14.73
C ASN A 42 -15.87 -2.41 14.53
N ARG A 43 -16.03 -1.66 15.63
CA ARG A 43 -16.56 -0.29 15.57
C ARG A 43 -15.64 0.58 14.67
N MET A 44 -14.33 0.43 14.87
CA MET A 44 -13.38 1.24 14.15
C MET A 44 -13.27 0.81 12.67
N ILE A 45 -13.32 -0.49 12.41
CA ILE A 45 -13.32 -1.00 11.00
C ILE A 45 -14.59 -0.57 10.27
N ASP A 46 -15.77 -0.74 10.91
CA ASP A 46 -17.02 -0.35 10.31
C ASP A 46 -16.94 1.15 9.97
N SER A 47 -16.38 1.97 10.87
CA SER A 47 -16.30 3.40 10.60
C SER A 47 -15.47 3.73 9.36
N VAL A 48 -14.32 3.06 9.17
CA VAL A 48 -13.52 3.38 7.96
C VAL A 48 -14.31 2.95 6.69
N LEU A 49 -14.89 1.73 6.70
CA LEU A 49 -15.50 1.22 5.50
C LEU A 49 -16.80 1.99 5.20
N GLU A 50 -17.59 2.34 6.24
CA GLU A 50 -18.77 3.18 6.03
C GLU A 50 -18.39 4.59 5.51
N SER A 51 -17.26 5.12 5.99
CA SER A 51 -16.80 6.39 5.55
C SER A 51 -16.39 6.31 4.07
N ALA A 52 -15.67 5.26 3.67
CA ALA A 52 -15.32 5.05 2.29
C ALA A 52 -16.59 5.00 1.40
N ARG A 53 -17.59 4.22 1.80
CA ARG A 53 -18.83 4.06 0.99
C ARG A 53 -19.54 5.46 0.87
N ASP A 54 -19.61 6.16 2.01
CA ASP A 54 -20.30 7.51 2.04
C ASP A 54 -19.60 8.49 1.14
N MET A 55 -18.25 8.40 1.11
CA MET A 55 -17.44 9.34 0.30
C MET A 55 -17.34 8.97 -1.16
N GLY A 56 -17.76 7.78 -1.54
CA GLY A 56 -17.54 7.34 -2.89
C GLY A 56 -16.22 6.68 -3.22
N ILE A 57 -15.41 6.38 -2.20
CA ILE A 57 -14.12 5.77 -2.36
C ILE A 57 -14.37 4.28 -2.64
N LYS A 58 -13.95 3.81 -3.82
CA LYS A 58 -14.25 2.47 -4.25
C LYS A 58 -13.26 1.39 -3.85
N VAL A 59 -12.04 1.79 -3.60
CA VAL A 59 -10.91 0.85 -3.32
C VAL A 59 -10.17 1.32 -2.10
N LEU A 60 -9.88 0.38 -1.16
CA LEU A 60 -9.05 0.69 0.02
C LEU A 60 -7.86 -0.25 -0.01
N ARG A 61 -6.69 0.34 0.13
CA ARG A 61 -5.40 -0.43 0.17
C ARG A 61 -5.02 -0.60 1.63
N ILE A 62 -4.83 -1.85 2.03
CA ILE A 62 -4.70 -2.15 3.48
C ILE A 62 -3.50 -3.11 3.66
N TRP A 63 -3.03 -3.21 4.91
CA TRP A 63 -1.93 -4.12 5.21
C TRP A 63 -2.46 -5.51 5.50
N GLY A 64 -1.77 -6.50 4.98
CA GLY A 64 -2.14 -7.88 5.28
C GLY A 64 -1.03 -8.60 6.04
N PHE A 65 -0.26 -7.86 6.86
CA PHE A 65 0.87 -8.45 7.55
C PHE A 65 1.03 -7.93 8.99
N LEU A 66 1.59 -8.79 9.83
CA LEU A 66 1.93 -8.33 11.16
C LEU A 66 3.03 -9.31 11.59
N ASP A 67 4.28 -8.92 11.29
CA ASP A 67 5.46 -9.80 11.40
C ASP A 67 6.20 -9.52 12.68
N GLY A 68 6.53 -10.59 13.39
CA GLY A 68 7.44 -10.50 14.56
C GLY A 68 6.69 -10.56 15.85
N GLU A 69 7.27 -11.23 16.84
CA GLU A 69 6.55 -11.37 18.07
C GLU A 69 6.38 -10.02 18.78
N SER A 70 7.39 -9.11 18.72
CA SER A 70 7.21 -7.85 19.48
C SER A 70 6.10 -6.99 18.89
N TYR A 71 6.02 -7.00 17.55
CA TYR A 71 5.00 -6.15 16.87
C TYR A 71 3.58 -6.69 17.10
N CYS A 72 3.50 -8.03 17.04
CA CYS A 72 2.21 -8.73 17.35
C CYS A 72 1.80 -8.42 18.77
N ARG A 73 2.74 -8.57 19.70
CA ARG A 73 2.39 -8.34 21.13
C ARG A 73 1.98 -6.86 21.34
N ASP A 74 2.70 -5.95 20.66
CA ASP A 74 2.36 -4.54 20.85
C ASP A 74 0.90 -4.22 20.47
N LYS A 75 0.39 -4.87 19.43
CA LYS A 75 -1.02 -4.66 19.03
C LYS A 75 -1.97 -5.75 19.57
N ASN A 76 -1.45 -6.70 20.39
CA ASN A 76 -2.16 -7.84 20.89
C ASN A 76 -2.88 -8.56 19.77
N THR A 77 -2.21 -8.60 18.60
CA THR A 77 -2.83 -9.21 17.43
C THR A 77 -1.74 -9.92 16.66
N TYR A 78 -2.00 -11.16 16.30
CA TYR A 78 -0.98 -12.06 15.76
C TYR A 78 -1.30 -12.45 14.32
N MET A 79 -0.31 -12.31 13.45
CA MET A 79 -0.39 -12.90 12.10
C MET A 79 0.82 -13.75 11.85
N HIS A 80 2.02 -13.21 12.11
CA HIS A 80 3.22 -14.03 11.75
C HIS A 80 4.28 -13.75 12.80
N PRO A 81 4.09 -14.21 14.03
CA PRO A 81 5.00 -13.81 15.10
C PRO A 81 6.40 -14.46 14.99
N GLU A 82 6.48 -15.64 14.37
CA GLU A 82 7.73 -16.43 14.21
C GLU A 82 7.66 -17.22 12.93
N PRO A 83 8.82 -17.65 12.37
CA PRO A 83 8.74 -18.49 11.16
C PRO A 83 7.84 -19.73 11.37
N GLY A 84 6.94 -19.96 10.38
CA GLY A 84 6.01 -21.10 10.44
C GLY A 84 4.86 -20.97 11.46
N VAL A 85 4.74 -19.85 12.15
CA VAL A 85 3.65 -19.63 13.09
C VAL A 85 2.72 -18.61 12.44
N PHE A 86 1.47 -19.02 12.08
CA PHE A 86 0.54 -18.10 11.40
C PHE A 86 -0.67 -18.00 12.30
N GLY A 87 -0.95 -16.85 12.83
CA GLY A 87 -2.00 -16.72 13.85
C GLY A 87 -1.38 -16.63 15.22
N VAL A 88 -2.23 -16.88 16.24
CA VAL A 88 -1.86 -16.73 17.65
C VAL A 88 -0.99 -17.94 18.11
N PRO A 89 0.17 -17.70 18.74
CA PRO A 89 0.97 -18.86 19.25
C PRO A 89 0.18 -19.72 20.23
N GLU A 90 0.43 -21.02 20.15
CA GLU A 90 -0.17 -21.92 21.08
C GLU A 90 0.10 -21.43 22.49
N GLY A 91 -0.94 -21.41 23.30
CA GLY A 91 -0.70 -21.03 24.69
C GLY A 91 -0.83 -19.54 25.05
N ILE A 92 -0.88 -18.67 24.06
CA ILE A 92 -1.21 -17.28 24.30
C ILE A 92 -2.72 -17.16 24.24
N SER A 93 -3.31 -16.71 25.34
CA SER A 93 -4.77 -16.47 25.41
C SER A 93 -5.05 -14.96 25.38
N ASN A 94 -6.32 -14.57 25.19
CA ASN A 94 -6.71 -13.16 25.24
C ASN A 94 -6.08 -12.32 24.11
N ALA A 95 -5.68 -12.95 23.00
CA ALA A 95 -5.11 -12.16 21.88
C ALA A 95 -6.04 -12.13 20.74
N GLN A 96 -5.88 -11.11 19.88
CA GLN A 96 -6.58 -11.17 18.59
C GLN A 96 -5.78 -11.95 17.55
N ASN A 97 -6.52 -12.55 16.60
CA ASN A 97 -5.86 -13.20 15.44
C ASN A 97 -6.06 -12.18 14.29
N GLY A 98 -4.93 -11.68 13.72
CA GLY A 98 -5.05 -10.69 12.61
C GLY A 98 -5.77 -11.27 11.38
N PHE A 99 -5.73 -12.63 11.17
CA PHE A 99 -6.56 -13.21 10.10
C PHE A 99 -8.07 -13.07 10.36
N GLU A 100 -8.47 -13.15 11.61
CA GLU A 100 -9.89 -12.96 11.90
C GLU A 100 -10.29 -11.49 11.72
N ARG A 101 -9.39 -10.52 12.04
CA ARG A 101 -9.70 -9.11 11.88
C ARG A 101 -9.73 -8.82 10.36
N LEU A 102 -8.77 -9.35 9.61
CA LEU A 102 -8.80 -9.21 8.16
C LEU A 102 -10.07 -9.86 7.59
N ASP A 103 -10.52 -10.98 8.18
CA ASP A 103 -11.74 -11.67 7.69
C ASP A 103 -12.92 -10.71 7.90
N TYR A 104 -13.03 -10.09 9.07
CA TYR A 104 -14.10 -9.14 9.39
C TYR A 104 -14.06 -7.95 8.41
N THR A 105 -12.88 -7.34 8.21
CA THR A 105 -12.71 -6.31 7.24
C THR A 105 -13.17 -6.72 5.85
N ILE A 106 -12.77 -7.91 5.43
CA ILE A 106 -13.15 -8.33 4.02
C ILE A 106 -14.66 -8.53 3.94
N ALA A 107 -15.23 -9.18 4.97
CA ALA A 107 -16.67 -9.45 4.95
C ALA A 107 -17.47 -8.13 4.99
N LYS A 108 -17.02 -7.13 5.82
CA LYS A 108 -17.72 -5.86 5.79
C LYS A 108 -17.52 -5.10 4.48
N ALA A 109 -16.28 -5.10 3.94
CA ALA A 109 -16.03 -4.46 2.63
C ALA A 109 -16.97 -5.07 1.56
N LYS A 110 -17.17 -6.40 1.66
CA LYS A 110 -18.00 -7.11 0.66
C LYS A 110 -19.41 -6.57 0.79
N GLU A 111 -19.90 -6.52 2.02
CA GLU A 111 -21.22 -5.94 2.25
C GLU A 111 -21.38 -4.54 1.69
N LEU A 112 -20.39 -3.70 1.99
CA LEU A 112 -20.50 -2.28 1.65
C LEU A 112 -20.05 -1.96 0.23
N GLY A 113 -19.54 -2.92 -0.53
CA GLY A 113 -19.18 -2.66 -1.93
C GLY A 113 -17.83 -2.00 -2.08
N ILE A 114 -16.98 -2.17 -1.08
CA ILE A 114 -15.59 -1.61 -1.17
C ILE A 114 -14.61 -2.72 -1.67
N LYS A 115 -13.75 -2.47 -2.68
CA LYS A 115 -12.75 -3.44 -3.10
C LYS A 115 -11.45 -3.16 -2.34
N LEU A 116 -10.66 -4.21 -2.14
CA LEU A 116 -9.46 -4.08 -1.25
C LEU A 116 -8.23 -4.48 -2.03
N ILE A 117 -7.14 -3.69 -1.83
CA ILE A 117 -5.85 -4.15 -2.30
C ILE A 117 -5.12 -4.56 -1.00
N ILE A 118 -4.56 -5.76 -0.96
CA ILE A 118 -3.96 -6.22 0.30
C ILE A 118 -2.47 -6.45 0.12
N VAL A 119 -1.67 -5.75 0.90
CA VAL A 119 -0.17 -5.73 0.74
C VAL A 119 0.41 -6.79 1.69
N LEU A 120 1.43 -7.53 1.24
CA LEU A 120 1.84 -8.79 1.92
C LEU A 120 3.08 -8.68 2.81
N VAL A 121 3.89 -7.63 2.66
CA VAL A 121 5.00 -7.33 3.63
C VAL A 121 5.32 -5.84 3.51
N ASN A 122 5.95 -5.27 4.54
CA ASN A 122 6.36 -3.88 4.51
C ASN A 122 7.83 -3.77 4.20
N ASN A 123 8.18 -2.83 3.31
CA ASN A 123 9.65 -2.52 3.23
C ASN A 123 10.21 -2.00 4.56
N TRP A 124 9.38 -1.22 5.27
CA TRP A 124 9.77 -0.50 6.54
C TRP A 124 9.55 -1.39 7.77
N ASP A 125 10.06 -0.92 8.88
CA ASP A 125 9.99 -1.72 10.09
C ASP A 125 8.60 -1.72 10.76
N ASP A 126 7.70 -0.81 10.40
CA ASP A 126 6.34 -0.79 11.01
C ASP A 126 5.68 -2.14 10.71
N PHE A 127 5.14 -2.74 11.76
CA PHE A 127 4.52 -4.10 11.66
C PHE A 127 5.56 -5.15 11.25
N GLY A 128 6.83 -4.91 11.66
CA GLY A 128 7.93 -5.92 11.47
C GLY A 128 8.69 -5.71 10.18
N GLY A 129 8.03 -5.92 9.06
CA GLY A 129 8.64 -5.65 7.75
C GLY A 129 9.77 -6.64 7.41
N MET A 130 10.45 -6.32 6.32
CA MET A 130 11.58 -7.10 5.87
C MET A 130 12.63 -7.32 6.95
N ASN A 131 12.95 -6.24 7.71
CA ASN A 131 14.00 -6.44 8.70
C ASN A 131 13.60 -7.49 9.72
N GLN A 132 12.29 -7.63 10.01
CA GLN A 132 11.92 -8.70 11.00
C GLN A 132 12.29 -10.10 10.39
N TYR A 133 12.03 -10.33 9.11
CA TYR A 133 12.40 -11.57 8.46
C TYR A 133 13.96 -11.75 8.51
N VAL A 134 14.69 -10.63 8.31
CA VAL A 134 16.17 -10.74 8.30
C VAL A 134 16.61 -11.13 9.73
N ARG A 135 15.99 -10.52 10.75
CA ARG A 135 16.36 -10.88 12.14
C ARG A 135 16.08 -12.37 12.45
N TRP A 136 14.95 -12.89 11.96
CA TRP A 136 14.62 -14.29 12.20
C TRP A 136 15.65 -15.23 11.63
N PHE A 137 16.22 -14.85 10.49
CA PHE A 137 17.11 -15.71 9.75
C PHE A 137 18.57 -15.31 9.88
N GLY A 138 18.81 -14.40 10.82
CA GLY A 138 20.20 -14.07 11.20
C GLY A 138 20.99 -13.33 10.12
N GLY A 139 20.29 -12.57 9.28
CA GLY A 139 21.00 -11.78 8.27
C GLY A 139 21.58 -10.49 8.84
N THR A 140 22.23 -9.74 7.92
CA THR A 140 22.91 -8.56 8.36
C THR A 140 22.52 -7.27 7.67
N HIS A 141 21.59 -7.30 6.70
CA HIS A 141 21.12 -6.10 6.04
C HIS A 141 19.69 -6.36 5.60
N HIS A 142 18.90 -5.30 5.66
CA HIS A 142 17.51 -5.32 5.16
C HIS A 142 17.41 -6.06 3.83
N ASP A 143 18.28 -5.73 2.88
CA ASP A 143 18.15 -6.34 1.53
C ASP A 143 18.45 -7.83 1.45
N ASP A 144 18.96 -8.45 2.54
CA ASP A 144 19.10 -9.91 2.56
C ASP A 144 17.68 -10.55 2.38
N PHE A 145 16.61 -9.79 2.67
CA PHE A 145 15.24 -10.30 2.47
C PHE A 145 15.03 -10.77 1.04
N TYR A 146 15.64 -10.09 0.06
CA TYR A 146 15.45 -10.46 -1.39
C TYR A 146 16.34 -11.61 -1.87
N ARG A 147 17.38 -11.94 -1.08
CA ARG A 147 18.47 -12.79 -1.57
C ARG A 147 18.54 -14.10 -0.81
N ASP A 148 18.24 -14.11 0.50
CA ASP A 148 18.44 -15.34 1.30
C ASP A 148 17.29 -16.31 0.96
N GLU A 149 17.61 -17.49 0.48
CA GLU A 149 16.54 -18.45 0.12
C GLU A 149 15.74 -18.87 1.31
N ARG A 150 16.31 -18.90 2.51
CA ARG A 150 15.50 -19.24 3.71
C ARG A 150 14.43 -18.15 4.03
N ILE A 151 14.77 -16.90 3.77
CA ILE A 151 13.80 -15.83 3.94
C ILE A 151 12.74 -15.89 2.86
N LYS A 152 13.19 -16.04 1.60
CA LYS A 152 12.24 -16.10 0.48
C LYS A 152 11.23 -17.25 0.72
N GLU A 153 11.72 -18.37 1.23
CA GLU A 153 10.85 -19.52 1.49
C GLU A 153 9.83 -19.18 2.57
N GLU A 154 10.26 -18.45 3.58
CA GLU A 154 9.31 -18.09 4.65
C GLU A 154 8.27 -17.09 4.18
N TYR A 155 8.67 -16.15 3.34
CA TYR A 155 7.71 -15.21 2.77
C TYR A 155 6.70 -16.03 1.93
N LYS A 156 7.19 -16.97 1.10
CA LYS A 156 6.20 -17.75 0.33
C LYS A 156 5.28 -18.57 1.22
N LYS A 157 5.78 -19.10 2.34
CA LYS A 157 4.89 -19.90 3.24
C LYS A 157 3.80 -19.01 3.87
N TYR A 158 4.17 -17.78 4.25
CA TYR A 158 3.24 -16.82 4.79
C TYR A 158 2.19 -16.50 3.71
N VAL A 159 2.62 -16.10 2.51
CA VAL A 159 1.68 -15.66 1.52
C VAL A 159 0.74 -16.83 1.11
N SER A 160 1.26 -18.06 1.06
CA SER A 160 0.42 -19.21 0.73
C SER A 160 -0.64 -19.40 1.83
N PHE A 161 -0.23 -19.31 3.10
CA PHE A 161 -1.21 -19.41 4.20
C PHE A 161 -2.30 -18.34 4.04
N LEU A 162 -1.85 -17.11 3.82
CA LEU A 162 -2.84 -16.03 3.73
C LEU A 162 -3.81 -16.23 2.52
N ILE A 163 -3.24 -16.47 1.35
CA ILE A 163 -4.08 -16.52 0.13
C ILE A 163 -5.02 -17.74 0.18
N ASN A 164 -4.62 -18.81 0.87
CA ASN A 164 -5.51 -19.97 1.02
C ASN A 164 -6.45 -19.89 2.21
N HIS A 165 -6.37 -18.82 2.98
CA HIS A 165 -7.12 -18.77 4.26
C HIS A 165 -8.65 -18.65 3.99
N VAL A 166 -9.44 -19.44 4.68
CA VAL A 166 -10.89 -19.40 4.50
C VAL A 166 -11.47 -18.34 5.47
N ASN A 167 -12.16 -17.31 4.93
CA ASN A 167 -12.68 -16.23 5.77
C ASN A 167 -13.78 -16.80 6.69
N VAL A 168 -13.68 -16.58 7.99
CA VAL A 168 -14.61 -17.19 8.93
C VAL A 168 -15.96 -16.55 8.92
N TYR A 169 -16.17 -15.42 8.24
CA TYR A 169 -17.45 -14.75 8.21
C TYR A 169 -18.15 -15.06 6.88
N THR A 170 -17.43 -15.51 5.88
CA THR A 170 -18.07 -15.80 4.51
C THR A 170 -17.97 -17.23 4.02
N GLY A 171 -16.97 -18.05 4.46
CA GLY A 171 -16.73 -19.37 3.95
C GLY A 171 -15.88 -19.35 2.73
N VAL A 172 -15.56 -18.13 2.21
CA VAL A 172 -14.87 -18.05 0.91
C VAL A 172 -13.36 -17.85 1.19
N PRO A 173 -12.51 -18.66 0.57
CA PRO A 173 -11.06 -18.47 0.76
C PRO A 173 -10.68 -17.14 0.06
N TYR A 174 -9.62 -16.50 0.55
CA TYR A 174 -9.25 -15.23 -0.03
C TYR A 174 -8.96 -15.39 -1.51
N ARG A 175 -8.36 -16.53 -1.91
CA ARG A 175 -8.08 -16.71 -3.35
C ARG A 175 -9.30 -16.66 -4.23
N GLU A 176 -10.48 -16.94 -3.67
CA GLU A 176 -11.71 -16.90 -4.47
C GLU A 176 -12.62 -15.69 -4.18
N GLU A 177 -12.13 -14.73 -3.38
CA GLU A 177 -12.96 -13.65 -2.85
C GLU A 177 -12.86 -12.42 -3.79
N PRO A 178 -13.94 -12.07 -4.50
CA PRO A 178 -13.86 -10.98 -5.48
C PRO A 178 -13.77 -9.62 -4.81
N THR A 179 -14.04 -9.56 -3.51
CA THR A 179 -13.94 -8.23 -2.81
C THR A 179 -12.46 -7.81 -2.84
N ILE A 180 -11.57 -8.77 -2.87
CA ILE A 180 -10.11 -8.46 -3.02
C ILE A 180 -9.86 -8.20 -4.47
N MET A 181 -9.36 -7.00 -4.74
CA MET A 181 -9.02 -6.57 -6.10
C MET A 181 -7.64 -7.05 -6.53
N ALA A 182 -6.70 -7.01 -5.60
CA ALA A 182 -5.29 -7.31 -5.99
C ALA A 182 -4.50 -7.69 -4.76
N TRP A 183 -3.49 -8.52 -5.00
CA TRP A 183 -2.39 -8.69 -4.05
C TRP A 183 -1.26 -7.81 -4.37
N GLU A 184 -0.59 -7.24 -3.34
CA GLU A 184 0.65 -6.52 -3.63
C GLU A 184 1.82 -7.14 -2.89
N LEU A 185 2.94 -7.28 -3.59
CA LEU A 185 4.10 -8.01 -3.02
C LEU A 185 4.66 -7.31 -1.77
N ALA A 186 4.88 -5.98 -1.80
CA ALA A 186 5.71 -5.36 -0.74
C ALA A 186 5.43 -3.86 -0.78
N ASN A 187 5.06 -3.31 0.35
CA ASN A 187 4.86 -1.85 0.44
C ASN A 187 6.17 -1.11 0.32
N GLU A 188 6.30 -0.29 -0.74
CA GLU A 188 7.44 0.66 -0.90
C GLU A 188 8.76 -0.15 -0.89
N LEU A 189 8.79 -1.26 -1.59
CA LEU A 189 10.07 -1.95 -1.65
C LEU A 189 11.25 -1.14 -2.24
N ARG A 190 12.38 -1.29 -1.58
CA ARG A 190 13.61 -0.66 -2.04
C ARG A 190 14.75 -1.66 -1.86
N CYS A 191 15.82 -1.50 -2.63
CA CYS A 191 16.99 -2.35 -2.49
C CYS A 191 18.23 -1.48 -2.80
N GLU A 192 18.57 -0.62 -1.84
CA GLU A 192 19.66 0.37 -2.08
C GLU A 192 21.01 -0.29 -2.33
N THR A 193 21.15 -1.54 -1.87
CA THR A 193 22.45 -2.26 -2.00
C THR A 193 22.64 -2.75 -3.46
N ASP A 194 21.62 -2.69 -4.32
CA ASP A 194 21.83 -3.04 -5.72
C ASP A 194 21.19 -2.03 -6.64
N LYS A 195 21.93 -0.94 -6.90
CA LYS A 195 21.40 0.15 -7.68
C LYS A 195 21.27 -0.19 -9.16
N SER A 196 21.66 -1.40 -9.57
CA SER A 196 21.41 -1.82 -10.96
C SER A 196 19.91 -2.08 -11.19
N GLY A 197 19.18 -2.39 -10.10
CA GLY A 197 17.76 -2.73 -10.24
C GLY A 197 17.56 -4.26 -10.40
N ASN A 198 18.63 -5.04 -10.58
CA ASN A 198 18.46 -6.43 -11.02
C ASN A 198 17.93 -7.26 -9.84
N THR A 199 18.38 -7.00 -8.61
CA THR A 199 17.91 -7.81 -7.46
C THR A 199 16.37 -7.77 -7.37
N LEU A 200 15.84 -6.57 -7.42
CA LEU A 200 14.34 -6.40 -7.33
C LEU A 200 13.64 -7.03 -8.54
N VAL A 201 14.20 -6.89 -9.76
CA VAL A 201 13.53 -7.49 -10.91
C VAL A 201 13.44 -9.01 -10.64
N GLU A 202 14.52 -9.62 -10.17
CA GLU A 202 14.52 -11.08 -9.98
C GLU A 202 13.50 -11.45 -8.91
N TRP A 203 13.48 -10.68 -7.81
CA TRP A 203 12.64 -11.03 -6.67
C TRP A 203 11.17 -10.84 -7.07
N VAL A 204 10.89 -9.74 -7.75
CA VAL A 204 9.48 -9.51 -8.19
C VAL A 204 9.02 -10.55 -9.21
N LYS A 205 9.89 -10.94 -10.14
CA LYS A 205 9.56 -12.04 -11.08
C LYS A 205 9.17 -13.31 -10.25
N GLU A 206 10.05 -13.71 -9.29
CA GLU A 206 9.88 -14.94 -8.54
C GLU A 206 8.59 -14.88 -7.72
N MET A 207 8.37 -13.78 -7.00
CA MET A 207 7.23 -13.73 -6.09
C MET A 207 5.92 -13.49 -6.79
N SER A 208 5.91 -12.66 -7.84
CA SER A 208 4.62 -12.44 -8.57
C SER A 208 4.25 -13.77 -9.26
N SER A 209 5.24 -14.48 -9.83
CA SER A 209 4.89 -15.77 -10.49
C SER A 209 4.36 -16.75 -9.42
N TYR A 210 4.98 -16.71 -8.22
CA TYR A 210 4.59 -17.64 -7.16
C TYR A 210 3.12 -17.37 -6.81
N ILE A 211 2.77 -16.10 -6.63
CA ILE A 211 1.37 -15.75 -6.25
C ILE A 211 0.42 -16.19 -7.37
N LYS A 212 0.81 -15.98 -8.65
CA LYS A 212 -0.08 -16.44 -9.72
C LYS A 212 -0.27 -17.95 -9.70
N SER A 213 0.75 -18.68 -9.22
CA SER A 213 0.67 -20.16 -9.15
C SER A 213 -0.33 -20.58 -8.05
N LEU A 214 -0.49 -19.74 -7.01
CA LEU A 214 -1.42 -20.01 -5.91
C LEU A 214 -2.85 -19.53 -6.28
N ASP A 215 -2.94 -18.46 -7.07
CA ASP A 215 -4.22 -17.75 -7.24
C ASP A 215 -4.24 -17.22 -8.66
N PRO A 216 -4.97 -17.92 -9.50
CA PRO A 216 -4.92 -17.46 -10.91
C PRO A 216 -6.02 -16.41 -11.12
N ASN A 217 -6.78 -16.04 -10.10
CA ASN A 217 -8.00 -15.18 -10.23
C ASN A 217 -7.57 -13.68 -10.10
N HIS A 218 -6.71 -13.37 -9.15
CA HIS A 218 -6.55 -11.97 -8.73
C HIS A 218 -5.41 -11.28 -9.45
N LEU A 219 -5.57 -9.97 -9.62
CA LEU A 219 -4.49 -9.09 -10.08
C LEU A 219 -3.32 -9.09 -9.08
N VAL A 220 -2.10 -8.96 -9.59
CA VAL A 220 -0.88 -8.84 -8.75
C VAL A 220 -0.16 -7.57 -9.16
N ALA A 221 0.26 -6.80 -8.16
CA ALA A 221 1.11 -5.61 -8.38
C ALA A 221 2.21 -5.58 -7.35
N VAL A 222 3.18 -4.70 -7.55
CA VAL A 222 4.33 -4.72 -6.64
C VAL A 222 4.03 -3.95 -5.36
N GLY A 223 3.48 -2.75 -5.42
CA GLY A 223 3.26 -1.87 -4.24
C GLY A 223 4.38 -0.92 -3.95
N ASP A 224 5.33 -0.80 -4.91
CA ASP A 224 6.47 0.14 -4.77
C ASP A 224 6.06 1.60 -5.06
N GLU A 225 7.03 2.49 -4.79
CA GLU A 225 6.83 3.98 -4.90
C GLU A 225 6.94 4.45 -6.35
N GLY A 226 7.43 3.62 -7.28
CA GLY A 226 7.49 4.10 -8.71
C GLY A 226 8.81 4.71 -9.13
N PHE A 227 9.87 4.52 -8.36
CA PHE A 227 11.18 5.16 -8.79
C PHE A 227 11.71 4.69 -10.12
N PHE A 228 12.35 5.64 -10.84
CA PHE A 228 12.96 5.33 -12.12
C PHE A 228 14.45 5.08 -11.97
N SER A 229 15.08 4.55 -12.99
CA SER A 229 16.50 4.27 -12.92
C SER A 229 17.18 4.85 -14.17
N ASN A 230 17.22 6.18 -14.22
CA ASN A 230 17.99 6.95 -15.30
C ASN A 230 17.51 6.64 -16.70
N TYR A 231 16.25 6.98 -16.97
CA TYR A 231 15.65 6.77 -18.29
C TYR A 231 15.89 8.01 -19.13
N GLU A 232 16.31 7.78 -20.37
CA GLU A 232 16.57 8.93 -21.28
C GLU A 232 15.34 9.82 -21.37
N GLY A 233 15.55 11.11 -21.08
CA GLY A 233 14.53 12.13 -21.22
C GLY A 233 13.58 12.21 -20.06
N PHE A 234 13.82 11.47 -18.98
CA PHE A 234 13.05 11.66 -17.73
C PHE A 234 13.92 12.18 -16.66
N LYS A 235 13.70 13.44 -16.31
CA LYS A 235 14.41 14.11 -15.25
C LYS A 235 13.39 14.80 -14.37
N PRO A 236 13.73 15.03 -13.08
CA PRO A 236 12.73 15.58 -12.18
C PRO A 236 12.44 17.03 -12.47
N TYR A 237 11.26 17.46 -12.06
CA TYR A 237 10.89 18.89 -12.12
C TYR A 237 11.90 19.70 -11.26
N GLY A 238 12.49 20.80 -11.80
CA GLY A 238 13.23 21.71 -10.93
C GLY A 238 14.53 21.13 -10.45
N GLY A 239 14.98 19.97 -11.01
CA GLY A 239 16.20 19.27 -10.50
C GLY A 239 16.19 18.81 -9.04
N GLU A 240 15.01 18.71 -8.39
CA GLU A 240 14.88 18.25 -6.99
C GLU A 240 14.48 16.78 -6.97
N ALA A 241 14.97 16.11 -5.93
CA ALA A 241 14.71 14.66 -5.74
C ALA A 241 15.19 13.85 -6.96
N GLU A 242 16.40 14.14 -7.48
CA GLU A 242 16.97 13.40 -8.58
C GLU A 242 17.00 11.92 -8.22
N TRP A 243 17.21 11.61 -6.92
CA TRP A 243 17.41 10.19 -6.49
C TRP A 243 16.21 9.37 -6.84
N ALA A 244 15.04 10.03 -6.90
CA ALA A 244 13.82 9.25 -7.26
C ALA A 244 13.75 8.95 -8.77
N TYR A 245 14.56 9.65 -9.58
CA TYR A 245 14.64 9.44 -11.04
C TYR A 245 15.88 8.63 -11.51
N ASN A 246 16.93 8.57 -10.63
CA ASN A 246 18.21 8.08 -11.09
C ASN A 246 18.63 6.74 -10.50
N GLY A 247 17.69 6.00 -9.87
CA GLY A 247 17.95 4.60 -9.59
C GLY A 247 18.52 4.39 -8.20
N TRP A 248 18.56 5.44 -7.36
CA TRP A 248 19.27 5.31 -6.04
C TRP A 248 18.71 4.17 -5.21
N SER A 249 17.37 4.02 -5.26
CA SER A 249 16.70 3.00 -4.41
C SER A 249 16.84 1.56 -4.90
N GLY A 250 17.41 1.39 -6.11
CA GLY A 250 17.48 0.01 -6.64
C GLY A 250 16.21 -0.40 -7.35
N VAL A 251 15.28 0.56 -7.61
CA VAL A 251 13.99 0.23 -8.29
C VAL A 251 14.07 0.68 -9.72
N ASP A 252 13.80 -0.25 -10.67
CA ASP A 252 13.68 0.15 -12.03
C ASP A 252 12.20 -0.09 -12.39
N TRP A 253 11.38 0.94 -12.28
CA TRP A 253 9.95 0.73 -12.37
C TRP A 253 9.49 0.19 -13.71
N LYS A 254 10.07 0.73 -14.76
CA LYS A 254 9.73 0.29 -16.10
C LYS A 254 10.01 -1.20 -16.25
N LYS A 255 11.17 -1.66 -15.78
CA LYS A 255 11.48 -3.11 -15.83
C LYS A 255 10.52 -3.92 -15.00
N LEU A 256 10.15 -3.44 -13.81
CA LEU A 256 9.19 -4.18 -12.99
C LEU A 256 7.84 -4.25 -13.70
N LEU A 257 7.38 -3.13 -14.32
CA LEU A 257 6.06 -3.13 -14.92
C LEU A 257 6.01 -4.09 -16.10
N SER A 258 7.16 -4.30 -16.74
CA SER A 258 7.26 -5.24 -17.91
C SER A 258 7.21 -6.73 -17.56
N ILE A 259 7.27 -7.04 -16.25
CA ILE A 259 7.20 -8.45 -15.82
C ILE A 259 5.82 -9.06 -16.17
N GLU A 260 5.83 -10.24 -16.82
CA GLU A 260 4.59 -10.87 -17.31
C GLU A 260 3.55 -11.08 -16.24
N THR A 261 4.01 -11.41 -15.02
CA THR A 261 3.12 -11.77 -13.90
C THR A 261 2.76 -10.60 -12.98
N VAL A 262 3.08 -9.38 -13.46
CA VAL A 262 2.68 -8.12 -12.83
C VAL A 262 1.61 -7.49 -13.69
N ASP A 263 0.43 -7.21 -13.13
CA ASP A 263 -0.72 -6.78 -13.95
C ASP A 263 -0.89 -5.28 -14.07
N PHE A 264 -0.41 -4.53 -13.10
CA PHE A 264 -0.59 -3.04 -13.15
C PHE A 264 0.57 -2.39 -12.40
N GLY A 265 0.83 -1.12 -12.70
CA GLY A 265 2.01 -0.44 -12.06
C GLY A 265 1.48 0.39 -10.92
N THR A 266 2.29 0.50 -9.87
CA THR A 266 1.92 1.31 -8.72
C THR A 266 2.95 2.43 -8.55
N PHE A 267 2.50 3.58 -8.07
CA PHE A 267 3.53 4.60 -7.69
C PHE A 267 2.97 5.36 -6.52
N HIS A 268 3.86 6.02 -5.76
CA HIS A 268 3.49 6.78 -4.58
C HIS A 268 4.02 8.17 -4.81
N LEU A 269 3.57 9.10 -3.97
CA LEU A 269 3.95 10.52 -4.22
C LEU A 269 3.99 11.31 -2.95
N TYR A 270 5.19 11.65 -2.48
CA TYR A 270 5.35 12.45 -1.26
C TYR A 270 6.46 13.45 -1.45
N PRO A 271 6.18 14.55 -2.17
CA PRO A 271 7.31 15.51 -2.48
C PRO A 271 7.94 16.03 -1.19
N SER A 272 7.17 16.18 -0.12
CA SER A 272 7.71 16.75 1.12
C SER A 272 8.72 15.79 1.76
N HIS A 273 8.63 14.49 1.49
CA HIS A 273 9.59 13.51 2.09
C HIS A 273 10.80 13.41 1.24
N TRP A 274 10.74 13.77 0.00
CA TRP A 274 11.78 13.39 -0.96
C TRP A 274 12.78 14.47 -1.32
N GLY A 275 12.62 15.63 -0.74
CA GLY A 275 13.59 16.72 -1.00
C GLY A 275 13.06 17.84 -1.88
N VAL A 276 11.77 17.82 -2.22
CA VAL A 276 11.18 18.86 -3.11
C VAL A 276 10.85 20.10 -2.25
N SER A 277 11.04 21.31 -2.81
CA SER A 277 10.70 22.52 -2.05
C SER A 277 9.17 22.76 -2.09
N PRO A 278 8.59 23.35 -1.04
CA PRO A 278 7.15 23.52 -1.03
C PRO A 278 6.55 24.21 -2.30
N GLU A 279 7.21 25.24 -2.81
CA GLU A 279 6.74 25.95 -4.02
C GLU A 279 6.78 25.08 -5.26
N ASN A 280 7.44 23.90 -5.17
CA ASN A 280 7.57 22.97 -6.27
C ASN A 280 6.74 21.71 -6.03
N TYR A 281 6.09 21.58 -4.87
CA TYR A 281 5.38 20.32 -4.65
C TYR A 281 4.37 20.02 -5.77
N ALA A 282 3.58 21.05 -6.15
CA ALA A 282 2.50 20.81 -7.10
C ALA A 282 3.07 20.33 -8.46
N GLN A 283 4.06 21.09 -9.04
CA GLN A 283 4.59 20.83 -10.35
C GLN A 283 5.46 19.58 -10.36
N TRP A 284 6.15 19.33 -9.21
CA TRP A 284 7.00 18.10 -9.16
C TRP A 284 6.08 16.83 -9.24
N GLY A 285 5.03 16.88 -8.41
CA GLY A 285 4.02 15.85 -8.41
C GLY A 285 3.33 15.73 -9.75
N ALA A 286 3.00 16.88 -10.38
CA ALA A 286 2.37 16.81 -11.68
C ALA A 286 3.26 16.08 -12.72
N LYS A 287 4.56 16.43 -12.73
CA LYS A 287 5.50 15.80 -13.66
C LYS A 287 5.66 14.31 -13.32
N TRP A 288 5.72 14.01 -12.03
CA TRP A 288 5.80 12.61 -11.63
C TRP A 288 4.60 11.75 -12.16
N ILE A 289 3.38 12.31 -12.06
CA ILE A 289 2.18 11.61 -12.54
C ILE A 289 2.25 11.48 -14.05
N GLU A 290 2.55 12.59 -14.72
CA GLU A 290 2.64 12.57 -16.21
C GLU A 290 3.64 11.50 -16.66
N ASP A 291 4.83 11.47 -16.01
CA ASP A 291 5.84 10.51 -16.44
C ASP A 291 5.42 9.07 -16.21
N HIS A 292 4.78 8.77 -15.04
CA HIS A 292 4.36 7.40 -14.81
C HIS A 292 3.25 6.95 -15.78
N ILE A 293 2.31 7.84 -16.05
CA ILE A 293 1.23 7.47 -16.98
C ILE A 293 1.79 7.28 -18.38
N LYS A 294 2.72 8.16 -18.81
CA LYS A 294 3.29 8.00 -20.16
C LYS A 294 4.00 6.63 -20.27
N ILE A 295 4.78 6.28 -19.25
CA ILE A 295 5.56 5.05 -19.34
C ILE A 295 4.57 3.86 -19.34
N ALA A 296 3.58 3.86 -18.40
CA ALA A 296 2.67 2.71 -18.33
C ALA A 296 1.84 2.59 -19.62
N LYS A 297 1.47 3.73 -20.20
CA LYS A 297 0.66 3.67 -21.41
C LYS A 297 1.49 3.04 -22.57
N GLU A 298 2.78 3.35 -22.65
CA GLU A 298 3.61 2.74 -23.68
C GLU A 298 3.81 1.24 -23.47
N ILE A 299 3.95 0.80 -22.19
CA ILE A 299 4.02 -0.64 -21.93
C ILE A 299 2.67 -1.29 -22.19
N GLY A 300 1.60 -0.52 -21.98
CA GLY A 300 0.21 -1.06 -22.17
C GLY A 300 -0.40 -1.75 -20.96
N LYS A 301 -0.03 -1.28 -19.74
CA LYS A 301 -0.73 -1.83 -18.54
C LYS A 301 -1.31 -0.68 -17.75
N PRO A 302 -2.33 -1.00 -16.92
CA PRO A 302 -2.92 0.04 -16.08
C PRO A 302 -1.89 0.57 -15.05
N VAL A 303 -2.15 1.74 -14.53
CA VAL A 303 -1.27 2.35 -13.54
C VAL A 303 -2.10 3.08 -12.48
N VAL A 304 -1.70 2.89 -11.22
CA VAL A 304 -2.45 3.46 -10.10
C VAL A 304 -1.55 4.31 -9.25
N LEU A 305 -1.92 5.59 -9.04
CA LEU A 305 -1.23 6.42 -8.05
C LEU A 305 -1.83 5.96 -6.71
N GLU A 306 -1.13 5.04 -6.01
CA GLU A 306 -1.83 4.37 -4.90
C GLU A 306 -1.53 4.95 -3.52
N GLU A 307 -0.61 5.92 -3.42
CA GLU A 307 -0.51 6.71 -2.18
C GLU A 307 -0.06 8.09 -2.62
N TYR A 308 -0.65 9.13 -2.09
CA TYR A 308 -0.08 10.49 -2.25
C TYR A 308 -0.46 11.28 -1.03
N GLY A 309 0.38 12.28 -0.66
CA GLY A 309 0.05 13.04 0.49
C GLY A 309 0.89 14.32 0.48
N ILE A 310 0.33 15.37 1.07
CA ILE A 310 1.02 16.66 1.31
C ILE A 310 0.74 16.89 2.76
N PRO A 311 1.74 17.36 3.50
CA PRO A 311 1.53 17.51 4.94
C PRO A 311 0.53 18.66 5.25
N LYS A 312 -0.33 18.46 6.25
CA LYS A 312 -1.36 19.48 6.52
C LYS A 312 -0.76 20.91 6.78
N SER A 313 0.40 20.88 7.35
CA SER A 313 1.11 22.15 7.62
C SER A 313 1.95 22.80 6.47
N ALA A 314 1.89 22.27 5.27
CA ALA A 314 2.73 22.83 4.21
C ALA A 314 2.12 24.20 3.84
N PRO A 315 2.99 25.17 3.50
CA PRO A 315 2.70 26.55 3.19
C PRO A 315 2.18 26.69 1.76
N VAL A 316 1.29 25.74 1.40
CA VAL A 316 0.64 25.77 0.08
C VAL A 316 -0.79 25.27 0.34
N ASN A 317 -1.64 25.39 -0.66
CA ASN A 317 -2.99 25.01 -0.46
C ASN A 317 -3.03 23.49 -0.80
N ARG A 318 -3.18 22.66 0.23
CA ARG A 318 -3.14 21.18 0.01
C ARG A 318 -4.30 20.73 -0.87
N THR A 319 -5.50 21.25 -0.62
CA THR A 319 -6.62 20.85 -1.47
C THR A 319 -6.37 21.20 -2.93
N ALA A 320 -5.83 22.39 -3.21
CA ALA A 320 -5.58 22.70 -4.64
C ALA A 320 -4.50 21.83 -5.26
N ILE A 321 -3.51 21.38 -4.45
CA ILE A 321 -2.55 20.40 -4.99
C ILE A 321 -3.27 19.07 -5.26
N TYR A 322 -4.10 18.61 -4.28
CA TYR A 322 -4.80 17.35 -4.48
C TYR A 322 -5.70 17.46 -5.69
N ARG A 323 -6.36 18.62 -5.88
CA ARG A 323 -7.22 18.79 -7.10
C ARG A 323 -6.39 18.70 -8.39
N LEU A 324 -5.24 19.40 -8.41
CA LEU A 324 -4.40 19.34 -9.58
C LEU A 324 -4.01 17.86 -9.87
N TRP A 325 -3.54 17.12 -8.85
CA TRP A 325 -3.05 15.78 -9.12
C TRP A 325 -4.19 14.84 -9.53
N ASN A 326 -5.34 14.98 -8.87
CA ASN A 326 -6.51 14.14 -9.32
C ASN A 326 -6.98 14.47 -10.73
N ASP A 327 -6.95 15.78 -11.10
CA ASP A 327 -7.29 16.15 -12.47
C ASP A 327 -6.36 15.56 -13.44
N LEU A 328 -5.06 15.53 -13.11
CA LEU A 328 -4.12 14.93 -14.05
C LEU A 328 -4.32 13.45 -14.24
N VAL A 329 -4.47 12.70 -13.13
CA VAL A 329 -4.77 11.30 -13.28
C VAL A 329 -6.04 11.09 -14.11
N TYR A 330 -7.07 11.90 -13.84
CA TYR A 330 -8.35 11.72 -14.58
C TYR A 330 -8.16 12.04 -16.08
N ASP A 331 -7.55 13.20 -16.36
CA ASP A 331 -7.48 13.71 -17.78
C ASP A 331 -6.49 12.89 -18.62
N LEU A 332 -5.39 12.42 -17.98
CA LEU A 332 -4.43 11.61 -18.75
C LEU A 332 -4.80 10.16 -18.85
N GLY A 333 -5.90 9.72 -18.23
CA GLY A 333 -6.28 8.30 -18.40
C GLY A 333 -5.59 7.34 -17.46
N GLY A 334 -5.06 7.83 -16.35
CA GLY A 334 -4.59 6.88 -15.28
C GLY A 334 -5.75 6.14 -14.64
N ASP A 335 -5.49 4.97 -14.06
CA ASP A 335 -6.67 4.10 -13.68
C ASP A 335 -7.18 4.41 -12.28
N GLY A 336 -6.36 5.01 -11.45
CA GLY A 336 -6.85 5.29 -10.12
C GLY A 336 -5.93 6.22 -9.35
N ALA A 337 -6.53 6.93 -8.40
CA ALA A 337 -5.77 7.87 -7.53
C ALA A 337 -6.24 7.64 -6.08
N MET A 338 -5.26 7.32 -5.18
CA MET A 338 -5.63 6.84 -3.87
C MET A 338 -4.82 7.70 -2.88
N PHE A 339 -5.53 8.47 -2.06
CA PHE A 339 -4.79 9.34 -1.11
C PHE A 339 -4.36 8.53 0.09
N TRP A 340 -3.22 8.86 0.70
CA TRP A 340 -2.90 8.39 2.01
C TRP A 340 -3.31 9.55 2.98
N MET A 341 -4.25 9.37 3.90
CA MET A 341 -4.98 8.11 4.14
C MET A 341 -6.33 8.44 4.76
N LEU A 342 -7.20 7.41 4.85
CA LEU A 342 -8.55 7.61 5.38
C LEU A 342 -8.59 6.98 6.77
N ALA A 343 -9.16 7.72 7.71
CA ALA A 343 -9.36 7.15 9.07
C ALA A 343 -10.85 7.38 9.46
N GLY A 344 -11.29 6.64 10.48
CA GLY A 344 -12.65 6.83 11.05
C GLY A 344 -12.58 7.14 12.54
N ILE A 345 -13.61 6.71 13.26
CA ILE A 345 -13.74 7.06 14.67
C ILE A 345 -12.59 6.37 15.42
N GLY A 346 -12.18 6.94 16.56
CA GLY A 346 -11.12 6.32 17.31
C GLY A 346 -11.63 5.78 18.63
N GLU A 347 -10.71 5.17 19.38
CA GLU A 347 -11.04 4.56 20.70
C GLU A 347 -9.78 4.47 21.50
N GLY A 348 -9.98 4.40 22.82
CA GLY A 348 -8.86 4.12 23.71
C GLY A 348 -7.76 5.16 23.58
N SER A 349 -6.54 4.69 23.35
CA SER A 349 -5.39 5.64 23.24
C SER A 349 -5.18 6.20 21.84
N ASP A 350 -6.08 5.85 20.92
CA ASP A 350 -6.01 6.40 19.57
C ASP A 350 -7.32 7.15 19.37
N ARG A 351 -7.49 8.29 20.07
CA ARG A 351 -8.72 9.10 19.88
C ARG A 351 -8.29 10.55 20.08
N ASP A 352 -8.66 11.42 19.18
CA ASP A 352 -8.23 12.82 19.22
C ASP A 352 -9.38 13.69 19.85
N GLU A 353 -9.19 15.01 19.75
CA GLU A 353 -10.11 16.00 20.38
C GLU A 353 -11.53 15.91 19.83
N ARG A 354 -11.73 15.29 18.64
CA ARG A 354 -13.10 15.10 18.05
C ARG A 354 -13.59 13.63 18.10
N GLY A 355 -12.83 12.74 18.72
CA GLY A 355 -13.23 11.34 18.81
C GLY A 355 -12.73 10.50 17.68
N TYR A 356 -11.96 11.09 16.76
CA TYR A 356 -11.47 10.33 15.57
C TYR A 356 -10.13 9.67 15.89
N TYR A 357 -9.75 8.69 15.07
CA TYR A 357 -8.40 8.15 15.15
C TYR A 357 -7.50 9.36 14.83
N PRO A 358 -6.39 9.58 15.57
CA PRO A 358 -5.72 10.89 15.40
C PRO A 358 -4.92 11.03 14.08
N ASP A 359 -4.67 12.28 13.69
CA ASP A 359 -3.83 12.57 12.57
C ASP A 359 -2.35 12.58 13.02
N TYR A 360 -1.76 11.40 13.08
CA TYR A 360 -0.38 11.28 13.62
C TYR A 360 0.67 11.75 12.65
N ASP A 361 0.40 11.66 11.36
CA ASP A 361 1.42 11.93 10.36
C ASP A 361 1.18 13.19 9.53
N GLY A 362 0.08 13.90 9.80
CA GLY A 362 -0.29 15.08 9.00
C GLY A 362 -0.96 14.80 7.65
N PHE A 363 -1.31 13.51 7.39
CA PHE A 363 -1.94 13.22 6.10
C PHE A 363 -3.39 12.75 6.28
N ARG A 364 -3.84 12.54 7.52
CA ARG A 364 -5.21 11.94 7.71
C ARG A 364 -6.30 12.75 7.03
N ILE A 365 -7.22 12.07 6.34
CA ILE A 365 -8.51 12.65 5.96
C ILE A 365 -9.60 11.82 6.65
N VAL A 366 -10.65 12.49 7.12
CA VAL A 366 -11.85 11.77 7.64
C VAL A 366 -13.08 12.33 6.90
N ASN A 367 -14.21 11.68 7.11
CA ASN A 367 -15.45 12.04 6.41
C ASN A 367 -16.11 13.25 7.12
N ASP A 368 -15.52 14.44 6.95
CA ASP A 368 -15.99 15.68 7.68
C ASP A 368 -16.19 16.81 6.66
N ASP A 369 -16.18 18.08 7.14
CA ASP A 369 -16.41 19.22 6.25
C ASP A 369 -15.11 19.89 5.81
N SER A 370 -13.98 19.22 5.92
CA SER A 370 -12.71 19.78 5.45
C SER A 370 -12.75 19.99 3.91
N PRO A 371 -11.99 20.95 3.38
CA PRO A 371 -11.97 21.09 1.93
C PRO A 371 -11.39 19.81 1.20
N GLU A 372 -10.47 19.09 1.87
CA GLU A 372 -9.97 17.84 1.28
C GLU A 372 -11.06 16.81 1.19
N ALA A 373 -11.81 16.64 2.28
CA ALA A 373 -12.92 15.64 2.28
C ALA A 373 -13.94 16.02 1.22
N GLU A 374 -14.24 17.33 1.10
CA GLU A 374 -15.20 17.79 0.09
C GLU A 374 -14.67 17.51 -1.31
N LEU A 375 -13.33 17.66 -1.51
CA LEU A 375 -12.73 17.40 -2.81
C LEU A 375 -12.82 15.93 -3.20
N ILE A 376 -12.47 15.06 -2.26
CA ILE A 376 -12.57 13.64 -2.49
C ILE A 376 -14.00 13.24 -2.87
N ARG A 377 -15.00 13.78 -2.16
CA ARG A 377 -16.40 13.42 -2.48
C ARG A 377 -16.73 13.89 -3.88
N GLU A 378 -16.24 15.10 -4.21
CA GLU A 378 -16.51 15.64 -5.56
C GLU A 378 -15.84 14.75 -6.65
N TYR A 379 -14.60 14.31 -6.47
CA TYR A 379 -13.90 13.57 -7.49
C TYR A 379 -14.39 12.10 -7.56
N ALA A 380 -14.89 11.58 -6.44
CA ALA A 380 -15.41 10.20 -6.44
C ALA A 380 -16.60 10.10 -7.37
N LYS A 381 -17.25 11.23 -7.63
CA LYS A 381 -18.45 11.24 -8.51
C LYS A 381 -18.03 11.24 -9.99
N LEU A 382 -16.78 11.63 -10.23
CA LEU A 382 -16.21 11.81 -11.60
C LEU A 382 -15.53 10.58 -12.18
N PHE A 383 -14.62 9.97 -11.40
CA PHE A 383 -13.88 8.75 -11.82
C PHE A 383 -14.82 7.59 -12.13
C2 BGC B . 8.00 6.99 3.33
C3 BGC B . 8.80 7.53 2.13
C4 BGC B . 10.13 8.12 2.60
C5 BGC B . 10.91 7.08 3.41
C6 BGC B . 12.19 7.59 4.25
C1 BGC B . 8.84 6.07 4.20
O1 BGC B . 8.20 5.85 5.44
O2 BGC B . 6.73 6.41 2.99
O3 BGC B . 7.96 8.50 1.44
O4 BGC B . 10.98 8.47 1.49
O5 BGC B . 10.11 6.68 4.51
O6 BGC B . 12.45 6.58 5.27
#